data_4RAV
#
_entry.id   4RAV
#
_cell.length_a   151.313
_cell.length_b   35.933
_cell.length_c   110.946
_cell.angle_alpha   90.00
_cell.angle_beta   120.72
_cell.angle_gamma   90.00
#
_symmetry.space_group_name_H-M   'C 1 2 1'
#
loop_
_entity.id
_entity.type
_entity.pdbx_description
1 polymer 'Single-chain Fv, VL'
2 polymer 'single-chain Fv, VH'
3 polymer Huntingtin
4 non-polymer 'SULFATE ION'
5 water water
#
loop_
_entity_poly.entity_id
_entity_poly.type
_entity_poly.pdbx_seq_one_letter_code
_entity_poly.pdbx_strand_id
1 'polypeptide(L)'
;SQSALTQPASVSGSPGQSITISCTGTSSDIGAYNYVSWYQQYPGKAPKLLIYDVSNRPSGISNRFSGSKSGDTASLTISG
LQAEDEADYYCSSFANSGPLFGGGTKVTVLGHHHHHH
;
B,D
2 'polypeptide(L)'
;QVQLQESGGGLVQPGGSLRLSCAASGFTFSSYSMSWVRQAPGKGLEWVAVISYDGSNKYYADSVKGRFTISRDNSKNTLY
LQMNSLRAEDTAVYYCARDRYFDLWGRGTLVTVSSGGGSGGGSGGG
;
A,C
3 'polypeptide(L)' MATLEKLMKAFESLKSF E,F
#
# COMPACT_ATOMS: atom_id res chain seq x y z
N GLN A 2 3.95 17.86 -27.85
CA GLN A 2 2.83 16.94 -27.71
C GLN A 2 2.97 16.05 -26.48
N SER A 3 1.96 16.07 -25.62
CA SER A 3 1.96 15.31 -24.38
C SER A 3 1.92 13.80 -24.62
N ALA A 4 2.57 13.05 -23.75
CA ALA A 4 2.66 11.60 -23.89
C ALA A 4 1.29 10.94 -23.90
N LEU A 5 0.47 11.31 -22.91
CA LEU A 5 -0.92 10.89 -22.85
C LEU A 5 -1.82 12.00 -23.37
N THR A 6 -2.94 11.63 -23.96
CA THR A 6 -3.81 12.63 -24.56
C THR A 6 -5.08 12.88 -23.73
N GLN A 7 -5.28 14.13 -23.34
CA GLN A 7 -6.51 14.54 -22.67
C GLN A 7 -7.16 15.67 -23.46
N PRO A 8 -8.49 15.82 -23.31
CA PRO A 8 -9.16 17.00 -23.87
C PRO A 8 -8.60 18.28 -23.26
N ALA A 9 -8.54 19.35 -24.03
CA ALA A 9 -7.98 20.61 -23.55
C ALA A 9 -8.83 21.22 -22.45
N SER A 10 -10.14 21.15 -22.63
CA SER A 10 -11.07 21.74 -21.67
C SER A 10 -12.42 21.05 -21.67
N VAL A 11 -13.05 21.03 -20.51
CA VAL A 11 -14.41 20.51 -20.36
C VAL A 11 -15.20 21.40 -19.43
N SER A 12 -16.37 21.86 -19.90
CA SER A 12 -17.23 22.69 -19.08
C SER A 12 -18.47 21.91 -18.64
N GLY A 13 -19.01 22.29 -17.48
CA GLY A 13 -20.21 21.65 -16.97
C GLY A 13 -21.00 22.56 -16.05
N SER A 14 -22.32 22.37 -16.02
CA SER A 14 -23.18 23.10 -15.11
C SER A 14 -23.11 22.48 -13.71
N PRO A 15 -23.23 23.31 -12.67
CA PRO A 15 -23.20 22.83 -11.28
C PRO A 15 -24.23 21.74 -11.01
N GLY A 16 -23.81 20.66 -10.37
CA GLY A 16 -24.69 19.55 -10.06
C GLY A 16 -24.56 18.39 -11.03
N GLN A 17 -24.10 18.69 -12.24
CA GLN A 17 -23.97 17.69 -13.29
C GLN A 17 -22.72 16.83 -13.12
N SER A 18 -22.50 15.94 -14.08
CA SER A 18 -21.29 15.12 -14.10
C SER A 18 -20.50 15.31 -15.39
N ILE A 19 -19.19 15.38 -15.26
CA ILE A 19 -18.31 15.43 -16.43
C ILE A 19 -17.29 14.31 -16.38
N THR A 20 -16.89 13.83 -17.55
CA THR A 20 -15.88 12.80 -17.62
C THR A 20 -14.67 13.30 -18.40
N ILE A 21 -13.50 13.18 -17.79
CA ILE A 21 -12.24 13.53 -18.43
C ILE A 21 -11.58 12.26 -18.92
N SER A 22 -11.42 12.15 -20.23
CA SER A 22 -10.78 10.99 -20.83
C SER A 22 -9.27 11.17 -20.90
N CYS A 23 -8.54 10.06 -20.96
CA CYS A 23 -7.09 10.10 -21.08
C CYS A 23 -6.62 8.92 -21.91
N THR A 24 -6.33 9.18 -23.18
CA THR A 24 -5.92 8.10 -24.07
C THR A 24 -4.41 7.94 -24.10
N GLY A 25 -3.97 6.73 -23.78
CA GLY A 25 -2.57 6.37 -23.89
C GLY A 25 -2.43 5.36 -25.01
N THR A 26 -1.56 4.38 -24.83
CA THR A 26 -1.39 3.34 -25.83
C THR A 26 -1.31 1.95 -25.22
N SER A 27 -1.15 0.97 -26.10
CA SER A 27 -0.81 -0.40 -25.76
C SER A 27 0.19 -0.51 -24.61
N SER A 28 1.23 0.31 -24.63
CA SER A 28 2.37 0.09 -23.73
C SER A 28 2.42 0.95 -22.48
N ASP A 29 1.28 1.47 -22.06
CA ASP A 29 1.22 2.24 -20.82
C ASP A 29 -0.11 2.04 -20.08
N ILE A 30 -1.15 2.75 -20.52
CA ILE A 30 -2.46 2.66 -19.91
C ILE A 30 -3.07 1.29 -20.19
N GLY A 31 -2.81 0.76 -21.37
CA GLY A 31 -3.30 -0.56 -21.73
C GLY A 31 -2.49 -1.65 -21.05
N ALA A 32 -1.18 -1.46 -20.96
CA ALA A 32 -0.28 -2.46 -20.42
C ALA A 32 -0.32 -2.57 -18.90
N TYR A 33 -0.63 -1.47 -18.22
CA TYR A 33 -0.60 -1.45 -16.76
C TYR A 33 -1.88 -0.89 -16.16
N ASN A 34 -2.18 -1.31 -14.94
CA ASN A 34 -3.29 -0.75 -14.18
C ASN A 34 -2.74 0.29 -13.21
N TYR A 35 -1.85 1.12 -13.71
CA TYR A 35 -1.13 2.09 -12.89
C TYR A 35 -1.41 3.53 -13.32
N VAL A 36 -2.68 3.88 -13.49
CA VAL A 36 -3.00 5.24 -13.88
C VAL A 36 -3.47 6.05 -12.67
N SER A 37 -3.00 7.29 -12.60
CA SER A 37 -3.36 8.17 -11.48
C SER A 37 -3.96 9.48 -11.98
N TRP A 38 -4.68 10.17 -11.10
CA TRP A 38 -5.27 11.46 -11.46
C TRP A 38 -4.91 12.52 -10.43
N TYR A 39 -4.64 13.74 -10.91
CA TYR A 39 -4.23 14.83 -10.04
C TYR A 39 -5.05 16.09 -10.30
N GLN A 40 -5.33 16.82 -9.23
CA GLN A 40 -6.00 18.10 -9.32
C GLN A 40 -5.03 19.23 -8.99
N GLN A 41 -4.94 20.22 -9.87
CA GLN A 41 -4.06 21.35 -9.62
C GLN A 41 -4.76 22.69 -9.73
N TYR A 42 -4.72 23.47 -8.66
CA TYR A 42 -5.16 24.86 -8.70
C TYR A 42 -4.00 25.73 -9.18
N PRO A 43 -4.31 26.88 -9.79
CA PRO A 43 -3.25 27.76 -10.30
C PRO A 43 -2.26 28.21 -9.23
N GLY A 44 -0.98 27.98 -9.49
CA GLY A 44 0.08 28.39 -8.59
C GLY A 44 0.17 27.53 -7.33
N LYS A 45 -0.58 26.43 -7.33
CA LYS A 45 -0.57 25.53 -6.18
C LYS A 45 -0.02 24.14 -6.53
N ALA A 46 0.22 23.34 -5.50
CA ALA A 46 0.73 22.00 -5.67
C ALA A 46 -0.34 21.04 -6.16
N PRO A 47 0.02 20.18 -7.11
CA PRO A 47 -0.87 19.12 -7.57
C PRO A 47 -1.34 18.23 -6.43
N LYS A 48 -2.55 17.68 -6.54
CA LYS A 48 -3.12 16.86 -5.48
C LYS A 48 -3.62 15.53 -6.04
N LEU A 49 -3.18 14.44 -5.43
CA LEU A 49 -3.59 13.11 -5.87
C LEU A 49 -5.06 12.84 -5.58
N LEU A 50 -5.84 12.58 -6.63
CA LEU A 50 -7.27 12.29 -6.49
C LEU A 50 -7.53 10.80 -6.50
N ILE A 51 -6.89 10.09 -7.41
CA ILE A 51 -7.11 8.67 -7.59
C ILE A 51 -5.85 7.97 -8.11
N TYR A 52 -5.50 6.84 -7.50
CA TYR A 52 -4.37 6.04 -7.96
C TYR A 52 -4.83 4.64 -8.31
N ASP A 53 -3.99 3.93 -9.05
CA ASP A 53 -4.29 2.56 -9.48
C ASP A 53 -5.66 2.50 -10.14
N VAL A 54 -5.84 3.34 -11.16
CA VAL A 54 -7.07 3.41 -11.95
C VAL A 54 -8.30 3.90 -11.16
N SER A 55 -8.65 3.21 -10.08
CA SER A 55 -9.93 3.44 -9.44
C SER A 55 -9.87 3.68 -7.93
N ASN A 56 -8.69 3.59 -7.33
CA ASN A 56 -8.58 3.70 -5.88
C ASN A 56 -8.42 5.13 -5.40
N ARG A 57 -9.14 5.46 -4.32
CA ARG A 57 -9.24 6.83 -3.85
C ARG A 57 -8.63 7.00 -2.46
N PRO A 58 -7.67 7.91 -2.31
CA PRO A 58 -7.09 8.24 -1.00
C PRO A 58 -8.15 8.69 0.00
N SER A 59 -7.86 8.55 1.29
CA SER A 59 -8.84 8.72 2.36
C SER A 59 -9.55 10.08 2.39
N GLY A 60 -8.78 11.16 2.23
CA GLY A 60 -9.34 12.50 2.36
C GLY A 60 -9.94 13.06 1.08
N ILE A 61 -10.16 12.19 0.09
CA ILE A 61 -10.70 12.63 -1.19
C ILE A 61 -12.19 12.32 -1.31
N SER A 62 -12.97 13.32 -1.73
CA SER A 62 -14.41 13.17 -1.88
C SER A 62 -14.80 12.03 -2.82
N ASN A 63 -15.89 11.34 -2.50
CA ASN A 63 -16.35 10.22 -3.31
C ASN A 63 -17.07 10.67 -4.58
N ARG A 64 -17.06 11.97 -4.86
CA ARG A 64 -17.60 12.48 -6.11
C ARG A 64 -16.62 12.22 -7.24
N PHE A 65 -15.39 11.86 -6.88
CA PHE A 65 -14.35 11.53 -7.85
C PHE A 65 -14.21 10.02 -7.98
N SER A 66 -14.32 9.52 -9.21
CA SER A 66 -14.15 8.11 -9.47
C SER A 66 -13.32 7.90 -10.73
N GLY A 67 -12.61 6.78 -10.79
CA GLY A 67 -11.72 6.50 -11.91
C GLY A 67 -11.98 5.12 -12.50
N SER A 68 -11.86 5.01 -13.81
CA SER A 68 -12.05 3.74 -14.50
C SER A 68 -11.11 3.64 -15.69
N LYS A 69 -11.09 2.48 -16.33
CA LYS A 69 -10.18 2.25 -17.44
C LYS A 69 -10.75 1.25 -18.44
N SER A 70 -10.74 1.64 -19.71
CA SER A 70 -11.19 0.75 -20.77
C SER A 70 -10.20 0.75 -21.94
N GLY A 71 -9.47 -0.35 -22.10
CA GLY A 71 -8.49 -0.46 -23.16
C GLY A 71 -7.29 0.45 -22.94
N ASP A 72 -7.07 1.35 -23.89
CA ASP A 72 -5.95 2.27 -23.80
C ASP A 72 -6.36 3.60 -23.20
N THR A 73 -7.61 3.69 -22.76
CA THR A 73 -8.13 4.95 -22.23
C THR A 73 -8.57 4.83 -20.77
N ALA A 74 -8.16 5.80 -19.97
CA ALA A 74 -8.60 5.92 -18.59
C ALA A 74 -9.55 7.10 -18.48
N SER A 75 -10.40 7.09 -17.46
CA SER A 75 -11.38 8.16 -17.30
C SER A 75 -11.50 8.62 -15.87
N LEU A 76 -11.64 9.93 -15.70
CA LEU A 76 -11.95 10.51 -14.40
C LEU A 76 -13.35 11.12 -14.45
N THR A 77 -14.18 10.76 -13.47
CA THR A 77 -15.53 11.30 -13.41
C THR A 77 -15.74 12.12 -12.16
N ILE A 78 -16.25 13.34 -12.34
CA ILE A 78 -16.62 14.19 -11.22
C ILE A 78 -18.13 14.39 -11.21
N SER A 79 -18.79 13.91 -10.16
CA SER A 79 -20.24 14.06 -10.04
C SER A 79 -20.57 15.13 -9.01
N GLY A 80 -21.78 15.67 -9.07
CA GLY A 80 -22.17 16.75 -8.19
C GLY A 80 -21.26 17.94 -8.35
N LEU A 81 -20.95 18.25 -9.61
CA LEU A 81 -20.01 19.30 -9.97
C LEU A 81 -20.31 20.63 -9.29
N GLN A 82 -19.29 21.22 -8.68
CA GLN A 82 -19.46 22.50 -8.01
C GLN A 82 -18.28 23.42 -8.29
N ALA A 83 -18.36 24.65 -7.80
CA ALA A 83 -17.39 25.70 -8.07
C ALA A 83 -15.95 25.30 -7.77
N GLU A 84 -15.74 24.64 -6.63
CA GLU A 84 -14.38 24.29 -6.19
C GLU A 84 -13.72 23.23 -7.05
N ASP A 85 -14.46 22.68 -8.02
CA ASP A 85 -13.92 21.65 -8.90
C ASP A 85 -13.25 22.26 -10.12
N GLU A 86 -13.44 23.56 -10.32
CA GLU A 86 -12.81 24.27 -11.44
C GLU A 86 -11.29 24.34 -11.23
N ALA A 87 -10.56 23.59 -12.05
CA ALA A 87 -9.12 23.45 -11.88
C ALA A 87 -8.51 22.73 -13.06
N ASP A 88 -7.22 22.45 -12.98
CA ASP A 88 -6.53 21.63 -13.97
C ASP A 88 -6.48 20.18 -13.48
N TYR A 89 -6.68 19.25 -14.39
CA TYR A 89 -6.65 17.83 -14.04
C TYR A 89 -5.71 17.06 -14.95
N TYR A 90 -4.75 16.37 -14.34
CA TYR A 90 -3.77 15.59 -15.08
C TYR A 90 -3.92 14.11 -14.77
N CYS A 91 -3.80 13.28 -15.80
CA CYS A 91 -3.71 11.84 -15.60
C CYS A 91 -2.25 11.41 -15.77
N SER A 92 -1.84 10.41 -15.00
CA SER A 92 -0.51 9.85 -15.14
C SER A 92 -0.60 8.35 -15.27
N SER A 93 0.26 7.76 -16.09
CA SER A 93 0.34 6.32 -16.19
C SER A 93 1.76 5.85 -15.89
N PHE A 94 1.98 4.56 -16.09
CA PHE A 94 3.30 3.99 -15.93
C PHE A 94 3.76 3.44 -17.28
N ALA A 95 5.07 3.48 -17.50
CA ALA A 95 5.65 2.99 -18.75
C ALA A 95 7.03 2.43 -18.50
N ASN A 96 7.55 1.65 -19.44
CA ASN A 96 8.86 1.03 -19.32
C ASN A 96 10.01 2.00 -19.11
N SER A 97 9.82 3.25 -19.53
CA SER A 97 10.86 4.27 -19.40
C SER A 97 10.51 5.29 -18.32
N GLY A 98 9.41 5.08 -17.62
CA GLY A 98 9.02 5.95 -16.53
C GLY A 98 7.62 6.50 -16.68
N PRO A 99 7.09 7.08 -15.59
CA PRO A 99 5.73 7.64 -15.52
C PRO A 99 5.49 8.73 -16.57
N LEU A 100 4.34 8.64 -17.24
CA LEU A 100 3.95 9.60 -18.26
C LEU A 100 2.80 10.46 -17.77
N PHE A 101 2.71 11.69 -18.26
CA PHE A 101 1.60 12.57 -17.91
C PHE A 101 0.82 13.01 -19.13
N GLY A 102 -0.44 13.36 -18.92
CA GLY A 102 -1.25 13.94 -19.97
C GLY A 102 -1.00 15.44 -20.00
N GLY A 103 -1.56 16.10 -21.01
CA GLY A 103 -1.40 17.54 -21.16
C GLY A 103 -2.20 18.33 -20.15
N GLY A 104 -3.13 17.66 -19.48
CA GLY A 104 -3.96 18.33 -18.50
C GLY A 104 -5.26 18.83 -19.11
N THR A 105 -6.28 18.92 -18.28
CA THR A 105 -7.59 19.34 -18.72
C THR A 105 -8.12 20.44 -17.80
N LYS A 106 -8.49 21.58 -18.39
CA LYS A 106 -9.09 22.65 -17.61
C LYS A 106 -10.59 22.41 -17.51
N VAL A 107 -11.09 22.33 -16.27
CA VAL A 107 -12.51 22.15 -16.02
C VAL A 107 -13.16 23.46 -15.65
N THR A 108 -14.21 23.82 -16.36
CA THR A 108 -14.93 25.05 -16.08
C THR A 108 -16.34 24.77 -15.59
N VAL A 109 -16.70 25.37 -14.46
CA VAL A 109 -18.06 25.28 -13.94
C VAL A 109 -18.75 26.60 -14.22
N LEU A 110 -19.99 26.54 -14.70
CA LEU A 110 -20.68 27.73 -15.17
C LEU A 110 -21.58 28.35 -14.11
N GLY A 111 -21.25 29.58 -13.71
CA GLY A 111 -22.02 30.30 -12.71
C GLY A 111 -21.86 31.80 -12.82
N GLN B 1 1.73 18.55 10.18
CA GLN B 1 2.89 19.27 9.68
C GLN B 1 3.63 18.46 8.62
N VAL B 2 2.89 17.59 7.94
CA VAL B 2 3.46 16.75 6.89
C VAL B 2 3.52 17.51 5.55
N GLN B 3 4.74 17.79 5.10
CA GLN B 3 4.91 18.60 3.89
C GLN B 3 6.30 18.50 3.26
N LEU B 4 6.36 18.84 1.98
CA LEU B 4 7.61 18.96 1.24
C LEU B 4 7.83 20.42 0.87
N GLN B 5 9.06 20.88 0.95
CA GLN B 5 9.35 22.27 0.59
C GLN B 5 10.64 22.38 -0.22
N GLU B 6 10.48 22.72 -1.50
CA GLU B 6 11.61 22.91 -2.39
C GLU B 6 12.30 24.25 -2.15
N SER B 7 13.53 24.37 -2.64
CA SER B 7 14.28 25.63 -2.59
C SER B 7 15.49 25.52 -3.50
N GLY B 8 16.16 26.65 -3.73
CA GLY B 8 17.38 26.64 -4.54
C GLY B 8 17.12 27.04 -5.97
N GLY B 9 15.86 27.23 -6.32
CA GLY B 9 15.49 27.67 -7.65
C GLY B 9 15.99 29.08 -7.89
N GLY B 10 16.00 29.50 -9.14
CA GLY B 10 16.48 30.82 -9.49
C GLY B 10 16.68 31.01 -10.97
N LEU B 11 17.32 32.13 -11.32
CA LEU B 11 17.55 32.48 -12.70
C LEU B 11 19.00 32.24 -13.10
N VAL B 12 19.21 31.46 -14.14
CA VAL B 12 20.55 31.06 -14.57
C VAL B 12 20.70 31.05 -16.08
N GLN B 13 21.95 31.04 -16.54
CA GLN B 13 22.26 31.03 -17.97
C GLN B 13 22.43 29.62 -18.53
N PRO B 14 22.15 29.45 -19.83
CA PRO B 14 22.37 28.17 -20.52
C PRO B 14 23.81 27.69 -20.36
N GLY B 15 23.98 26.42 -20.00
CA GLY B 15 25.30 25.87 -19.76
C GLY B 15 25.68 25.98 -18.29
N GLY B 16 24.93 26.80 -17.57
CA GLY B 16 25.14 27.00 -16.15
C GLY B 16 24.63 25.82 -15.33
N SER B 17 24.90 25.88 -14.03
CA SER B 17 24.47 24.81 -13.12
C SER B 17 23.60 25.35 -12.00
N LEU B 18 22.83 24.45 -11.40
CA LEU B 18 21.91 24.82 -10.34
C LEU B 18 21.64 23.60 -9.48
N ARG B 19 21.34 23.83 -8.20
CA ARG B 19 21.14 22.73 -7.26
C ARG B 19 19.90 22.93 -6.42
N LEU B 20 18.91 22.06 -6.62
CA LEU B 20 17.66 22.17 -5.90
C LEU B 20 17.66 21.31 -4.65
N SER B 21 17.03 21.81 -3.59
CA SER B 21 16.89 21.06 -2.35
C SER B 21 15.42 20.87 -2.03
N CYS B 22 15.10 19.77 -1.34
CA CYS B 22 13.73 19.50 -0.96
C CYS B 22 13.69 19.03 0.50
N ALA B 23 13.15 19.87 1.37
CA ALA B 23 13.06 19.55 2.79
C ALA B 23 11.74 18.83 3.11
N ALA B 24 11.83 17.60 3.60
CA ALA B 24 10.66 16.85 3.99
C ALA B 24 10.43 16.92 5.49
N SER B 25 9.17 17.05 5.90
CA SER B 25 8.82 17.12 7.32
C SER B 25 7.49 16.43 7.59
N GLY B 26 7.35 15.81 8.75
CA GLY B 26 6.09 15.24 9.17
C GLY B 26 5.87 13.78 8.82
N PHE B 27 6.92 13.11 8.36
CA PHE B 27 6.83 11.69 8.01
C PHE B 27 8.22 11.07 7.93
N THR B 28 8.29 9.75 7.69
CA THR B 28 9.57 9.08 7.63
C THR B 28 10.11 9.08 6.20
N PHE B 29 10.96 10.07 5.93
CA PHE B 29 11.59 10.28 4.63
C PHE B 29 12.31 9.03 4.13
N SER B 30 12.99 8.36 5.06
CA SER B 30 13.80 7.18 4.76
C SER B 30 13.02 6.04 4.11
N SER B 31 11.71 6.02 4.31
CA SER B 31 10.88 4.88 3.88
C SER B 31 10.31 5.05 2.46
N TYR B 32 10.31 6.27 1.95
CA TYR B 32 9.71 6.54 0.65
C TYR B 32 10.72 6.87 -0.43
N SER B 33 10.48 6.36 -1.63
CA SER B 33 11.20 6.80 -2.82
C SER B 33 10.72 8.21 -3.14
N MET B 34 11.61 9.04 -3.69
CA MET B 34 11.26 10.41 -4.00
C MET B 34 11.55 10.76 -5.45
N SER B 35 10.73 11.64 -6.02
CA SER B 35 10.84 11.99 -7.43
C SER B 35 10.92 13.50 -7.63
N TRP B 36 11.42 13.89 -8.80
CA TRP B 36 11.34 15.27 -9.25
C TRP B 36 10.44 15.32 -10.46
N VAL B 37 9.43 16.19 -10.39
CA VAL B 37 8.53 16.41 -11.51
C VAL B 37 8.53 17.90 -11.82
N ARG B 38 8.60 18.25 -13.10
CA ARG B 38 8.67 19.66 -13.46
C ARG B 38 7.54 20.06 -14.38
N GLN B 39 7.29 21.37 -14.43
CA GLN B 39 6.20 21.90 -15.23
C GLN B 39 6.62 23.23 -15.86
N ALA B 40 6.74 23.24 -17.18
CA ALA B 40 7.05 24.47 -17.91
C ALA B 40 5.87 25.43 -17.77
N PRO B 41 6.11 26.74 -17.92
CA PRO B 41 5.04 27.74 -17.81
C PRO B 41 3.85 27.45 -18.74
N GLY B 42 2.67 27.28 -18.15
CA GLY B 42 1.45 27.03 -18.90
C GLY B 42 1.45 25.71 -19.64
N LYS B 43 2.26 24.76 -19.18
CA LYS B 43 2.34 23.44 -19.82
C LYS B 43 2.09 22.30 -18.83
N GLY B 44 2.09 21.06 -19.33
CA GLY B 44 1.82 19.91 -18.50
C GLY B 44 2.95 19.49 -17.57
N LEU B 45 2.71 18.45 -16.79
CA LEU B 45 3.70 17.90 -15.88
C LEU B 45 4.66 16.94 -16.61
N GLU B 46 5.93 16.98 -16.24
CA GLU B 46 6.93 16.08 -16.81
C GLU B 46 7.79 15.44 -15.72
N TRP B 47 7.82 14.12 -15.67
CA TRP B 47 8.63 13.42 -14.69
C TRP B 47 10.12 13.48 -15.07
N VAL B 48 10.95 13.82 -14.09
CA VAL B 48 12.37 14.04 -14.34
C VAL B 48 13.26 12.89 -13.86
N ALA B 49 13.15 12.55 -12.59
CA ALA B 49 14.02 11.53 -11.99
C ALA B 49 13.43 10.96 -10.71
N VAL B 50 13.93 9.81 -10.29
CA VAL B 50 13.49 9.16 -9.06
C VAL B 50 14.65 8.49 -8.34
N ILE B 51 14.59 8.46 -7.02
CA ILE B 51 15.60 7.79 -6.21
C ILE B 51 14.94 6.93 -5.13
N SER B 52 15.54 5.77 -4.84
CA SER B 52 14.99 4.84 -3.87
C SER B 52 14.96 5.39 -2.46
N TYR B 53 14.24 4.70 -1.60
CA TYR B 53 14.13 5.02 -0.17
C TYR B 53 15.49 5.10 0.51
N ASP B 54 16.43 4.28 0.06
CA ASP B 54 17.76 4.23 0.66
C ASP B 54 18.82 4.78 -0.28
N GLY B 55 18.38 5.42 -1.36
CA GLY B 55 19.27 6.09 -2.29
C GLY B 55 20.14 5.18 -3.11
N SER B 56 19.82 3.89 -3.12
CA SER B 56 20.67 2.90 -3.78
C SER B 56 20.37 2.76 -5.27
N ASN B 57 19.13 3.04 -5.66
CA ASN B 57 18.74 2.97 -7.07
C ASN B 57 18.11 4.27 -7.57
N LYS B 58 18.66 4.79 -8.64
CA LYS B 58 18.16 6.02 -9.26
C LYS B 58 17.72 5.73 -10.69
N TYR B 59 16.86 6.58 -11.22
CA TYR B 59 16.46 6.47 -12.62
C TYR B 59 16.13 7.84 -13.18
N TYR B 60 16.56 8.10 -14.41
CA TYR B 60 16.37 9.41 -15.02
C TYR B 60 15.57 9.31 -16.32
N ALA B 61 14.85 10.38 -16.64
CA ALA B 61 14.17 10.48 -17.92
C ALA B 61 15.22 10.73 -19.00
N ASP B 62 14.92 10.34 -20.24
CA ASP B 62 15.86 10.49 -21.35
C ASP B 62 16.26 11.95 -21.62
N SER B 63 15.44 12.88 -21.18
CA SER B 63 15.65 14.30 -21.48
C SER B 63 16.65 15.00 -20.57
N VAL B 64 17.02 14.36 -19.47
CA VAL B 64 17.92 14.95 -18.49
C VAL B 64 19.07 14.02 -18.10
N LYS B 65 19.05 12.81 -18.63
CA LYS B 65 20.08 11.82 -18.33
C LYS B 65 21.44 12.30 -18.81
N GLY B 66 22.43 12.26 -17.94
CA GLY B 66 23.76 12.71 -18.27
C GLY B 66 23.99 14.16 -17.90
N ARG B 67 22.90 14.84 -17.54
CA ARG B 67 22.98 16.24 -17.17
C ARG B 67 22.49 16.48 -15.75
N PHE B 68 21.45 15.75 -15.36
CA PHE B 68 20.90 15.89 -14.02
C PHE B 68 21.32 14.72 -13.12
N THR B 69 21.53 15.01 -11.84
CA THR B 69 21.89 14.00 -10.86
C THR B 69 21.02 14.12 -9.63
N ILE B 70 20.24 13.08 -9.35
CA ILE B 70 19.37 13.07 -8.19
C ILE B 70 20.08 12.37 -7.02
N SER B 71 19.86 12.88 -5.82
CA SER B 71 20.44 12.30 -4.63
C SER B 71 19.64 12.68 -3.40
N ARG B 72 19.94 12.04 -2.27
CA ARG B 72 19.20 12.26 -1.04
C ARG B 72 20.10 12.04 0.16
N ASP B 73 19.79 12.69 1.27
CA ASP B 73 20.50 12.46 2.52
C ASP B 73 19.43 12.20 3.58
N ASN B 74 19.17 10.92 3.85
CA ASN B 74 18.10 10.54 4.77
C ASN B 74 18.34 11.02 6.19
N SER B 75 19.59 11.26 6.55
CA SER B 75 19.92 11.68 7.90
C SER B 75 19.57 13.14 8.14
N LYS B 76 19.42 13.91 7.07
CA LYS B 76 19.02 15.31 7.19
C LYS B 76 17.65 15.57 6.55
N ASN B 77 17.01 14.50 6.09
CA ASN B 77 15.67 14.56 5.50
C ASN B 77 15.57 15.49 4.29
N THR B 78 16.48 15.34 3.35
CA THR B 78 16.54 16.24 2.21
C THR B 78 16.73 15.49 0.90
N LEU B 79 16.00 15.92 -0.12
CA LEU B 79 16.17 15.42 -1.48
C LEU B 79 16.87 16.50 -2.32
N TYR B 80 17.81 16.09 -3.16
CA TYR B 80 18.58 17.04 -3.97
C TYR B 80 18.44 16.80 -5.47
N LEU B 81 18.64 17.86 -6.25
CA LEU B 81 18.71 17.72 -7.69
C LEU B 81 19.79 18.63 -8.27
N GLN B 82 20.91 18.03 -8.63
CA GLN B 82 22.01 18.76 -9.24
C GLN B 82 21.75 18.88 -10.73
N MET B 83 21.62 20.11 -11.21
CA MET B 83 21.31 20.37 -12.61
C MET B 83 22.51 21.00 -13.31
N ASN B 84 23.07 20.29 -14.29
CA ASN B 84 24.21 20.78 -15.05
C ASN B 84 23.89 20.91 -16.53
N SER B 85 24.65 21.75 -17.24
CA SER B 85 24.47 21.99 -18.66
C SER B 85 23.03 22.38 -18.99
N LEU B 86 22.50 23.32 -18.22
CA LEU B 86 21.11 23.74 -18.34
C LEU B 86 20.77 24.32 -19.70
N ARG B 87 19.57 24.02 -20.19
CA ARG B 87 19.10 24.52 -21.48
C ARG B 87 17.83 25.34 -21.26
N ALA B 88 17.42 26.07 -22.30
CA ALA B 88 16.21 26.87 -22.23
C ALA B 88 14.97 26.01 -21.96
N GLU B 89 14.95 24.82 -22.57
CA GLU B 89 13.83 23.89 -22.42
C GLU B 89 13.67 23.40 -20.98
N ASP B 90 14.70 23.59 -20.15
CA ASP B 90 14.67 23.15 -18.76
C ASP B 90 13.92 24.14 -17.87
N THR B 91 13.55 25.29 -18.43
CA THR B 91 12.83 26.30 -17.69
C THR B 91 11.47 25.77 -17.25
N ALA B 92 11.27 25.69 -15.93
CA ALA B 92 10.06 25.11 -15.38
C ALA B 92 9.98 25.31 -13.88
N VAL B 93 8.80 25.02 -13.33
CA VAL B 93 8.63 24.90 -11.88
C VAL B 93 8.93 23.46 -11.51
N TYR B 94 9.83 23.27 -10.56
CA TYR B 94 10.23 21.91 -10.17
C TYR B 94 9.61 21.50 -8.84
N TYR B 95 8.84 20.41 -8.89
CA TYR B 95 8.22 19.83 -7.70
C TYR B 95 8.95 18.56 -7.27
N CYS B 96 8.95 18.30 -5.97
CA CYS B 96 9.36 16.99 -5.48
C CYS B 96 8.10 16.24 -5.04
N ALA B 97 8.01 14.98 -5.42
CA ALA B 97 6.82 14.18 -5.14
C ALA B 97 7.17 12.86 -4.45
N ARG B 98 6.39 12.51 -3.43
CA ARG B 98 6.68 11.33 -2.63
C ARG B 98 6.07 10.06 -3.19
N ASP B 99 6.84 8.97 -3.13
CA ASP B 99 6.36 7.63 -3.44
C ASP B 99 5.99 7.46 -4.91
N ARG B 100 5.56 6.25 -5.27
CA ARG B 100 5.24 5.93 -6.65
C ARG B 100 3.89 6.51 -7.09
N TYR B 101 3.06 6.87 -6.12
CA TYR B 101 1.73 7.43 -6.42
C TYR B 101 1.80 8.93 -6.64
N PHE B 102 2.93 9.55 -6.30
CA PHE B 102 3.07 11.00 -6.25
C PHE B 102 1.97 11.54 -5.34
N ASP B 103 1.89 11.01 -4.13
CA ASP B 103 0.78 11.29 -3.23
C ASP B 103 1.00 12.52 -2.38
N LEU B 104 2.14 13.18 -2.58
CA LEU B 104 2.47 14.37 -1.81
C LEU B 104 3.43 15.25 -2.60
N TRP B 105 3.04 16.50 -2.79
CA TRP B 105 3.83 17.44 -3.58
C TRP B 105 4.25 18.63 -2.72
N GLY B 106 5.32 19.30 -3.14
CA GLY B 106 5.70 20.57 -2.54
C GLY B 106 5.11 21.71 -3.35
N ARG B 107 5.31 22.94 -2.90
CA ARG B 107 4.73 24.09 -3.60
C ARG B 107 5.50 24.38 -4.89
N GLY B 108 6.74 23.93 -4.94
CA GLY B 108 7.54 24.05 -6.15
C GLY B 108 8.55 25.17 -6.08
N THR B 109 9.55 25.10 -6.95
CA THR B 109 10.53 26.17 -7.04
C THR B 109 10.84 26.50 -8.50
N LEU B 110 10.98 27.79 -8.79
CA LEU B 110 11.19 28.26 -10.16
C LEU B 110 12.62 28.15 -10.66
N VAL B 111 12.76 27.56 -11.83
CA VAL B 111 14.04 27.52 -12.51
C VAL B 111 13.88 28.14 -13.89
N THR B 112 14.55 29.26 -14.13
CA THR B 112 14.48 29.93 -15.41
C THR B 112 15.85 29.96 -16.07
N VAL B 113 15.90 29.45 -17.30
CA VAL B 113 17.14 29.46 -18.06
C VAL B 113 17.01 30.35 -19.28
N SER B 114 17.70 31.49 -19.27
CA SER B 114 17.66 32.42 -20.39
C SER B 114 18.93 33.28 -20.44
N SER B 115 19.04 34.05 -21.51
CA SER B 115 20.17 34.97 -21.68
C SER B 115 19.64 36.36 -21.98
N GLY B 116 20.11 37.33 -21.21
CA GLY B 116 19.71 38.70 -21.43
C GLY B 116 18.27 38.96 -21.05
N GLY B 117 17.40 38.98 -22.05
CA GLY B 117 15.98 39.20 -21.83
C GLY B 117 15.20 37.90 -21.74
N GLY B 118 15.14 37.17 -22.84
CA GLY B 118 14.45 35.89 -22.87
C GLY B 118 14.54 35.21 -24.22
N SER C 1 -9.54 -20.20 27.59
CA SER C 1 -8.87 -18.99 27.15
C SER C 1 -9.86 -18.01 26.50
N GLN C 2 -9.70 -16.73 26.82
CA GLN C 2 -10.55 -15.68 26.25
C GLN C 2 -9.81 -14.91 25.17
N SER C 3 -10.41 -14.83 23.99
CA SER C 3 -9.79 -14.15 22.86
C SER C 3 -9.65 -12.65 23.10
N ALA C 4 -8.59 -12.06 22.56
CA ALA C 4 -8.29 -10.64 22.75
C ALA C 4 -9.42 -9.76 22.24
N LEU C 5 -9.87 -10.03 21.02
CA LEU C 5 -11.04 -9.35 20.47
C LEU C 5 -12.26 -10.25 20.60
N THR C 6 -13.43 -9.66 20.81
CA THR C 6 -14.64 -10.43 21.03
C THR C 6 -15.57 -10.43 19.83
N GLN C 7 -15.90 -11.65 19.36
CA GLN C 7 -16.90 -11.83 18.32
C GLN C 7 -18.00 -12.75 18.82
N PRO C 8 -19.21 -12.62 18.24
CA PRO C 8 -20.25 -13.61 18.55
C PRO C 8 -19.82 -15.01 18.13
N ALA C 9 -20.24 -16.01 18.88
CA ALA C 9 -19.83 -17.39 18.59
C ALA C 9 -20.42 -17.85 17.27
N SER C 10 -21.67 -17.52 17.03
CA SER C 10 -22.34 -17.95 15.81
C SER C 10 -23.47 -17.01 15.41
N VAL C 11 -23.70 -16.90 14.11
CA VAL C 11 -24.81 -16.15 13.55
C VAL C 11 -25.41 -16.91 12.37
N SER C 12 -26.72 -17.13 12.40
CA SER C 12 -27.40 -17.79 11.29
C SER C 12 -28.26 -16.82 10.50
N GLY C 13 -28.46 -17.11 9.22
CA GLY C 13 -29.28 -16.26 8.37
C GLY C 13 -29.91 -17.02 7.22
N SER C 14 -31.08 -16.54 6.79
CA SER C 14 -31.78 -17.12 5.64
C SER C 14 -31.13 -16.61 4.36
N PRO C 15 -31.11 -17.45 3.31
CA PRO C 15 -30.53 -17.05 2.03
C PRO C 15 -31.15 -15.78 1.46
N GLY C 16 -30.30 -14.85 1.02
CA GLY C 16 -30.74 -13.58 0.47
C GLY C 16 -30.67 -12.43 1.46
N GLN C 17 -30.69 -12.75 2.74
CA GLN C 17 -30.69 -11.73 3.78
C GLN C 17 -29.30 -11.15 4.03
N SER C 18 -29.21 -10.25 5.01
CA SER C 18 -27.94 -9.68 5.41
C SER C 18 -27.68 -9.93 6.89
N ILE C 19 -26.44 -10.27 7.22
CA ILE C 19 -26.04 -10.42 8.60
C ILE C 19 -24.83 -9.53 8.91
N THR C 20 -24.73 -9.10 10.16
CA THR C 20 -23.61 -8.30 10.60
C THR C 20 -22.87 -9.01 11.72
N ILE C 21 -21.56 -9.15 11.54
CA ILE C 21 -20.70 -9.71 12.58
C ILE C 21 -19.96 -8.59 13.29
N SER C 22 -20.22 -8.45 14.59
CA SER C 22 -19.56 -7.41 15.37
C SER C 22 -18.22 -7.90 15.90
N CYS C 23 -17.34 -6.97 16.20
CA CYS C 23 -16.04 -7.30 16.76
C CYS C 23 -15.61 -6.21 17.73
N THR C 24 -15.78 -6.48 19.02
CA THR C 24 -15.47 -5.50 20.06
C THR C 24 -14.04 -5.62 20.56
N GLY C 25 -13.31 -4.51 20.51
CA GLY C 25 -11.94 -4.48 21.02
C GLY C 25 -11.84 -3.68 22.30
N THR C 26 -10.75 -2.93 22.44
CA THR C 26 -10.52 -2.12 23.63
C THR C 26 -10.01 -0.73 23.28
N SER C 27 -9.73 0.06 24.33
CA SER C 27 -9.09 1.37 24.23
C SER C 27 -8.01 1.46 23.15
N SER C 28 -7.05 0.53 23.19
CA SER C 28 -5.84 0.61 22.38
C SER C 28 -5.76 -0.38 21.22
N ASP C 29 -6.89 -0.76 20.63
CA ASP C 29 -6.86 -1.75 19.55
C ASP C 29 -7.59 -1.27 18.32
N ILE C 30 -8.89 -1.50 18.33
CA ILE C 30 -9.77 -1.10 17.24
C ILE C 30 -9.96 0.41 17.27
N GLY C 31 -10.01 0.97 18.47
CA GLY C 31 -10.17 2.41 18.64
C GLY C 31 -8.92 3.21 18.31
N ALA C 32 -7.76 2.67 18.68
CA ALA C 32 -6.51 3.39 18.50
C ALA C 32 -6.03 3.41 17.06
N TYR C 33 -6.38 2.38 16.29
CA TYR C 33 -5.89 2.25 14.93
C TYR C 33 -7.00 1.99 13.91
N ASN C 34 -6.75 2.38 12.67
CA ASN C 34 -7.64 2.04 11.57
C ASN C 34 -7.10 0.84 10.81
N TYR C 35 -6.62 -0.15 11.56
CA TYR C 35 -5.94 -1.31 11.00
C TYR C 35 -6.69 -2.60 11.28
N VAL C 36 -7.99 -2.61 11.02
CA VAL C 36 -8.78 -3.81 11.28
C VAL C 36 -9.01 -4.60 9.99
N SER C 37 -8.89 -5.92 10.10
CA SER C 37 -9.09 -6.80 8.96
C SER C 37 -10.11 -7.90 9.23
N TRP C 38 -10.67 -8.47 8.16
CA TRP C 38 -11.60 -9.58 8.28
C TRP C 38 -11.16 -10.72 7.38
N TYR C 39 -11.33 -11.94 7.87
CA TYR C 39 -10.89 -13.13 7.14
C TYR C 39 -11.98 -14.19 7.05
N GLN C 40 -12.05 -14.87 5.90
CA GLN C 40 -12.96 -15.98 5.73
C GLN C 40 -12.21 -17.29 5.64
N GLN C 41 -12.59 -18.26 6.48
CA GLN C 41 -11.95 -19.56 6.45
C GLN C 41 -12.96 -20.68 6.33
N TYR C 42 -12.82 -21.50 5.29
CA TYR C 42 -13.56 -22.74 5.17
C TYR C 42 -12.79 -23.81 5.93
N PRO C 43 -13.49 -24.85 6.42
CA PRO C 43 -12.81 -25.91 7.17
C PRO C 43 -11.71 -26.60 6.37
N GLY C 44 -10.51 -26.66 6.93
CA GLY C 44 -9.39 -27.34 6.29
C GLY C 44 -8.80 -26.55 5.14
N LYS C 45 -9.21 -25.30 4.99
CA LYS C 45 -8.73 -24.46 3.91
C LYS C 45 -7.91 -23.30 4.46
N ALA C 46 -7.21 -22.60 3.59
CA ALA C 46 -6.40 -21.46 3.99
C ALA C 46 -7.31 -20.25 4.22
N PRO C 47 -7.06 -19.51 5.31
CA PRO C 47 -7.79 -18.27 5.58
C PRO C 47 -7.67 -17.29 4.42
N LYS C 48 -8.70 -16.48 4.20
CA LYS C 48 -8.73 -15.56 3.08
C LYS C 48 -9.06 -14.14 3.52
N LEU C 49 -8.24 -13.18 3.12
CA LEU C 49 -8.48 -11.79 3.45
C LEU C 49 -9.70 -11.25 2.71
N LEU C 50 -10.69 -10.80 3.47
CA LEU C 50 -11.90 -10.24 2.86
C LEU C 50 -11.82 -8.72 2.84
N ILE C 51 -11.36 -8.15 3.94
CA ILE C 51 -11.32 -6.71 4.10
C ILE C 51 -10.16 -6.29 4.99
N TYR C 52 -9.42 -5.28 4.56
CA TYR C 52 -8.35 -4.71 5.36
C TYR C 52 -8.58 -3.22 5.57
N ASP C 53 -7.91 -2.65 6.57
CA ASP C 53 -8.04 -1.24 6.90
C ASP C 53 -9.50 -0.83 7.06
N VAL C 54 -10.20 -1.53 7.95
CA VAL C 54 -11.61 -1.28 8.29
C VAL C 54 -12.59 -1.57 7.16
N SER C 55 -12.40 -0.90 6.02
CA SER C 55 -13.42 -0.90 4.98
C SER C 55 -12.94 -1.26 3.59
N ASN C 56 -11.63 -1.48 3.42
CA ASN C 56 -11.08 -1.69 2.09
C ASN C 56 -11.11 -3.16 1.64
N ARG C 57 -11.47 -3.34 0.37
CA ARG C 57 -11.72 -4.67 -0.16
C ARG C 57 -10.74 -5.04 -1.27
N PRO C 58 -10.01 -6.16 -1.09
CA PRO C 58 -9.11 -6.74 -2.10
C PRO C 58 -9.82 -7.04 -3.41
N SER C 59 -9.04 -7.12 -4.49
CA SER C 59 -9.57 -7.17 -5.85
C SER C 59 -10.57 -8.29 -6.11
N GLY C 60 -10.25 -9.50 -5.69
CA GLY C 60 -11.08 -10.65 -5.98
C GLY C 60 -12.19 -10.91 -4.99
N ILE C 61 -12.50 -9.94 -4.15
CA ILE C 61 -13.51 -10.13 -3.12
C ILE C 61 -14.84 -9.49 -3.51
N SER C 62 -15.91 -10.26 -3.37
CA SER C 62 -17.26 -9.81 -3.70
C SER C 62 -17.67 -8.55 -2.93
N ASN C 63 -18.42 -7.68 -3.59
CA ASN C 63 -18.87 -6.44 -2.98
C ASN C 63 -20.05 -6.66 -2.04
N ARG C 64 -20.39 -7.92 -1.80
CA ARG C 64 -21.41 -8.25 -0.82
C ARG C 64 -20.82 -8.13 0.58
N PHE C 65 -19.49 -8.06 0.64
CA PHE C 65 -18.79 -7.88 1.90
C PHE C 65 -18.37 -6.43 2.11
N SER C 66 -18.75 -5.86 3.24
CA SER C 66 -18.38 -4.50 3.59
C SER C 66 -17.97 -4.43 5.05
N GLY C 67 -17.08 -3.50 5.36
CA GLY C 67 -16.56 -3.37 6.71
C GLY C 67 -16.64 -1.94 7.21
N SER C 68 -16.93 -1.79 8.50
CA SER C 68 -17.02 -0.47 9.12
C SER C 68 -16.52 -0.52 10.55
N LYS C 69 -16.38 0.66 11.15
CA LYS C 69 -15.85 0.76 12.51
C LYS C 69 -16.45 1.96 13.24
N SER C 70 -16.97 1.72 14.43
CA SER C 70 -17.52 2.78 15.26
C SER C 70 -17.00 2.65 16.68
N GLY C 71 -16.11 3.56 17.05
CA GLY C 71 -15.50 3.53 18.37
C GLY C 71 -14.54 2.37 18.52
N ASP C 72 -14.83 1.50 19.50
CA ASP C 72 -13.98 0.34 19.77
C ASP C 72 -14.50 -0.92 19.08
N THR C 73 -15.54 -0.77 18.27
CA THR C 73 -16.15 -1.93 17.62
C THR C 73 -16.08 -1.86 16.10
N ALA C 74 -15.67 -2.97 15.49
CA ALA C 74 -15.70 -3.10 14.04
C ALA C 74 -16.80 -4.06 13.62
N SER C 75 -17.26 -3.94 12.37
CA SER C 75 -18.35 -4.77 11.90
C SER C 75 -18.10 -5.27 10.49
N LEU C 76 -18.48 -6.52 10.26
CA LEU C 76 -18.48 -7.11 8.93
C LEU C 76 -19.91 -7.37 8.50
N THR C 77 -20.26 -6.93 7.30
CA THR C 77 -21.60 -7.16 6.80
C THR C 77 -21.56 -8.04 5.55
N ILE C 78 -22.37 -9.10 5.54
CA ILE C 78 -22.51 -9.95 4.36
C ILE C 78 -23.92 -9.82 3.82
N SER C 79 -24.04 -9.28 2.62
CA SER C 79 -25.35 -9.10 1.99
C SER C 79 -25.59 -10.13 0.90
N GLY C 80 -26.85 -10.34 0.54
CA GLY C 80 -27.20 -11.35 -0.44
C GLY C 80 -26.70 -12.72 -0.01
N LEU C 81 -26.89 -13.01 1.27
CA LEU C 81 -26.37 -14.23 1.90
C LEU C 81 -26.70 -15.48 1.10
N GLN C 82 -25.68 -16.28 0.81
CA GLN C 82 -25.87 -17.51 0.05
C GLN C 82 -25.09 -18.65 0.68
N ALA C 83 -25.25 -19.84 0.10
CA ALA C 83 -24.66 -21.07 0.65
C ALA C 83 -23.15 -20.97 0.87
N GLU C 84 -22.45 -20.38 -0.10
CA GLU C 84 -20.99 -20.31 -0.06
C GLU C 84 -20.46 -19.38 1.02
N ASP C 85 -21.37 -18.69 1.71
CA ASP C 85 -20.96 -17.77 2.76
C ASP C 85 -20.83 -18.47 4.11
N GLU C 86 -21.32 -19.71 4.18
CA GLU C 86 -21.22 -20.49 5.41
C GLU C 86 -19.77 -20.87 5.70
N ALA C 87 -19.19 -20.25 6.72
CA ALA C 87 -17.78 -20.42 7.06
C ALA C 87 -17.43 -19.72 8.37
N ASP C 88 -16.15 -19.74 8.73
CA ASP C 88 -15.66 -19.01 9.88
C ASP C 88 -15.15 -17.62 9.47
N TYR C 89 -15.46 -16.62 10.30
CA TYR C 89 -15.02 -15.27 10.02
C TYR C 89 -14.30 -14.70 11.22
N TYR C 90 -13.08 -14.24 10.99
CA TYR C 90 -12.24 -13.70 12.05
C TYR C 90 -11.95 -12.22 11.80
N CYS C 91 -11.97 -11.42 12.87
CA CYS C 91 -11.50 -10.05 12.77
C CYS C 91 -10.11 -9.93 13.38
N SER C 92 -9.29 -9.07 12.80
CA SER C 92 -7.98 -8.78 13.36
C SER C 92 -7.79 -7.28 13.50
N SER C 93 -7.10 -6.88 14.56
CA SER C 93 -6.76 -5.48 14.75
C SER C 93 -5.26 -5.33 14.90
N PHE C 94 -4.82 -4.11 15.18
CA PHE C 94 -3.41 -3.87 15.43
C PHE C 94 -3.24 -3.36 16.86
N ALA C 95 -2.11 -3.67 17.46
CA ALA C 95 -1.85 -3.25 18.84
C ALA C 95 -0.36 -3.03 19.09
N ASN C 96 -0.06 -2.32 20.17
CA ASN C 96 1.31 -2.00 20.55
C ASN C 96 2.17 -3.24 20.80
N SER C 97 1.52 -4.36 21.11
CA SER C 97 2.23 -5.60 21.37
C SER C 97 2.07 -6.61 20.25
N GLY C 98 1.42 -6.20 19.17
CA GLY C 98 1.26 -7.04 18.00
C GLY C 98 -0.18 -7.22 17.58
N PRO C 99 -0.39 -7.73 16.36
CA PRO C 99 -1.73 -7.99 15.81
C PRO C 99 -2.56 -8.92 16.68
N LEU C 100 -3.81 -8.53 16.92
CA LEU C 100 -4.74 -9.32 17.72
C LEU C 100 -5.83 -9.89 16.85
N PHE C 101 -6.36 -11.05 17.25
CA PHE C 101 -7.47 -11.68 16.52
C PHE C 101 -8.67 -11.88 17.42
N GLY C 102 -9.84 -12.00 16.80
CA GLY C 102 -11.04 -12.36 17.53
C GLY C 102 -11.16 -13.87 17.63
N GLY C 103 -12.14 -14.33 18.40
CA GLY C 103 -12.38 -15.75 18.59
C GLY C 103 -12.99 -16.42 17.37
N GLY C 104 -13.48 -15.62 16.44
CA GLY C 104 -14.10 -16.14 15.24
C GLY C 104 -15.60 -16.30 15.36
N THR C 105 -16.28 -16.22 14.23
CA THR C 105 -17.74 -16.34 14.18
C THR C 105 -18.13 -17.35 13.11
N LYS C 106 -18.88 -18.37 13.50
CA LYS C 106 -19.40 -19.33 12.54
C LYS C 106 -20.69 -18.81 11.93
N VAL C 107 -20.71 -18.68 10.61
CA VAL C 107 -21.90 -18.22 9.89
C VAL C 107 -22.65 -19.39 9.28
N THR C 108 -23.94 -19.50 9.58
CA THR C 108 -24.75 -20.59 9.06
C THR C 108 -25.83 -20.08 8.10
N VAL C 109 -25.89 -20.69 6.92
CA VAL C 109 -26.93 -20.34 5.96
C VAL C 109 -27.99 -21.44 5.91
N LEU C 110 -29.26 -21.03 5.96
CA LEU C 110 -30.36 -21.98 6.08
C LEU C 110 -30.97 -22.32 4.71
N VAL D 2 0.49 -18.87 -7.44
CA VAL D 2 0.73 -18.12 -6.20
C VAL D 2 0.16 -18.83 -4.99
N GLN D 3 1.04 -19.32 -4.12
CA GLN D 3 0.61 -20.11 -2.96
C GLN D 3 1.69 -20.25 -1.88
N LEU D 4 1.23 -20.55 -0.66
CA LEU D 4 2.10 -20.89 0.45
C LEU D 4 1.83 -22.33 0.90
N GLN D 5 2.88 -23.07 1.23
CA GLN D 5 2.72 -24.45 1.68
C GLN D 5 3.62 -24.75 2.87
N GLU D 6 3.01 -24.91 4.05
CA GLU D 6 3.74 -25.25 5.26
C GLU D 6 4.13 -26.73 5.29
N SER D 7 5.07 -27.07 6.17
CA SER D 7 5.47 -28.45 6.41
C SER D 7 6.30 -28.52 7.67
N GLY D 8 6.58 -29.73 8.14
CA GLY D 8 7.41 -29.92 9.31
C GLY D 8 6.64 -30.16 10.59
N GLY D 9 5.31 -30.05 10.51
CA GLY D 9 4.46 -30.29 11.67
C GLY D 9 4.49 -31.75 12.09
N GLY D 10 4.01 -32.02 13.30
CA GLY D 10 3.98 -33.37 13.82
C GLY D 10 3.66 -33.46 15.29
N LEU D 11 3.86 -34.66 15.85
CA LEU D 11 3.57 -34.92 17.26
C LEU D 11 4.88 -34.98 18.05
N VAL D 12 4.95 -34.20 19.12
CA VAL D 12 6.17 -34.14 19.91
C VAL D 12 5.85 -34.09 21.40
N GLN D 13 6.84 -34.45 22.23
CA GLN D 13 6.66 -34.46 23.67
C GLN D 13 7.04 -33.11 24.26
N PRO D 14 6.43 -32.75 25.41
CA PRO D 14 6.74 -31.49 26.09
C PRO D 14 8.23 -31.33 26.36
N GLY D 15 8.76 -30.15 26.01
CA GLY D 15 10.19 -29.90 26.16
C GLY D 15 10.94 -30.20 24.88
N GLY D 16 10.29 -30.92 23.97
CA GLY D 16 10.91 -31.26 22.70
C GLY D 16 10.98 -30.09 21.74
N SER D 17 11.67 -30.29 20.62
CA SER D 17 11.85 -29.23 19.64
C SER D 17 11.34 -29.63 18.27
N LEU D 18 11.04 -28.63 17.45
CA LEU D 18 10.52 -28.85 16.12
C LEU D 18 10.77 -27.62 15.25
N ARG D 19 10.87 -27.82 13.94
CA ARG D 19 11.14 -26.72 13.04
C ARG D 19 10.19 -26.74 11.85
N LEU D 20 9.45 -25.66 11.69
CA LEU D 20 8.48 -25.55 10.61
C LEU D 20 9.07 -24.85 9.39
N SER D 21 8.69 -25.30 8.22
CA SER D 21 9.13 -24.68 6.98
C SER D 21 7.93 -24.19 6.18
N CYS D 22 8.13 -23.11 5.43
CA CYS D 22 7.07 -22.57 4.61
C CYS D 22 7.61 -22.22 3.22
N ALA D 23 7.20 -23.00 2.23
CA ALA D 23 7.64 -22.80 0.86
C ALA D 23 6.73 -21.83 0.12
N ALA D 24 7.29 -20.70 -0.31
CA ALA D 24 6.53 -19.69 -1.07
C ALA D 24 6.77 -19.83 -2.56
N SER D 25 5.71 -19.67 -3.35
CA SER D 25 5.81 -19.74 -4.81
C SER D 25 4.84 -18.79 -5.50
N GLY D 26 5.24 -18.27 -6.65
CA GLY D 26 4.38 -17.44 -7.48
C GLY D 26 4.49 -15.95 -7.24
N PHE D 27 5.49 -15.54 -6.48
CA PHE D 27 5.74 -14.13 -6.21
C PHE D 27 7.16 -13.94 -5.68
N THR D 28 7.58 -12.71 -5.48
CA THR D 28 8.95 -12.46 -5.00
C THR D 28 8.98 -12.39 -3.47
N PHE D 29 9.34 -13.52 -2.88
CA PHE D 29 9.43 -13.71 -1.43
C PHE D 29 10.25 -12.62 -0.74
N SER D 30 11.35 -12.23 -1.37
CA SER D 30 12.28 -11.25 -0.82
C SER D 30 11.65 -9.90 -0.47
N SER D 31 10.50 -9.59 -1.08
CA SER D 31 9.91 -8.26 -0.95
C SER D 31 8.91 -8.12 0.19
N TYR D 32 8.40 -9.25 0.69
CA TYR D 32 7.36 -9.21 1.71
C TYR D 32 7.84 -9.68 3.08
N SER D 33 7.38 -9.01 4.13
CA SER D 33 7.54 -9.52 5.47
C SER D 33 6.63 -10.74 5.64
N MET D 34 7.06 -11.69 6.46
CA MET D 34 6.31 -12.93 6.65
C MET D 34 6.05 -13.19 8.13
N SER D 35 4.90 -13.81 8.43
CA SER D 35 4.50 -14.06 9.81
C SER D 35 4.14 -15.51 10.05
N TRP D 36 4.15 -15.90 11.32
CA TRP D 36 3.58 -17.17 11.74
C TRP D 36 2.37 -16.89 12.62
N VAL D 37 1.24 -17.48 12.25
CA VAL D 37 0.02 -17.38 13.04
C VAL D 37 -0.45 -18.78 13.36
N ARG D 38 -0.87 -18.99 14.60
CA ARG D 38 -1.29 -20.32 15.01
C ARG D 38 -2.71 -20.30 15.55
N GLN D 39 -3.34 -21.47 15.59
CA GLN D 39 -4.70 -21.58 16.07
C GLN D 39 -4.91 -22.86 16.85
N ALA D 40 -5.12 -22.72 18.16
CA ALA D 40 -5.41 -23.86 19.02
C ALA D 40 -6.76 -24.47 18.65
N PRO D 41 -6.96 -25.76 19.00
CA PRO D 41 -8.24 -26.41 18.70
C PRO D 41 -9.44 -25.62 19.22
N GLY D 42 -10.33 -25.24 18.30
CA GLY D 42 -11.55 -24.53 18.65
C GLY D 42 -11.32 -23.16 19.25
N LYS D 43 -10.18 -22.55 18.95
CA LYS D 43 -9.89 -21.22 19.47
C LYS D 43 -9.59 -20.27 18.32
N GLY D 44 -9.40 -19.00 18.64
CA GLY D 44 -9.14 -18.00 17.63
C GLY D 44 -7.73 -18.08 17.07
N LEU D 45 -7.41 -17.20 16.15
CA LEU D 45 -6.06 -17.14 15.60
C LEU D 45 -5.17 -16.37 16.57
N GLU D 46 -3.92 -16.81 16.70
CA GLU D 46 -2.97 -16.12 17.55
C GLU D 46 -1.69 -15.85 16.78
N TRP D 47 -1.32 -14.58 16.70
CA TRP D 47 -0.11 -14.19 16.01
C TRP D 47 1.11 -14.57 16.84
N VAL D 48 2.10 -15.19 16.20
CA VAL D 48 3.27 -15.73 16.89
C VAL D 48 4.52 -14.87 16.68
N ALA D 49 4.88 -14.64 15.42
CA ALA D 49 6.11 -13.91 15.11
C ALA D 49 6.08 -13.33 13.70
N VAL D 50 6.95 -12.36 13.45
CA VAL D 50 7.08 -11.74 12.13
C VAL D 50 8.55 -11.44 11.85
N ILE D 51 8.93 -11.51 10.58
CA ILE D 51 10.28 -11.18 10.16
C ILE D 51 10.23 -10.28 8.93
N SER D 52 11.16 -9.34 8.86
CA SER D 52 11.21 -8.36 7.76
C SER D 52 11.50 -8.99 6.41
N TYR D 53 11.29 -8.22 5.36
CA TYR D 53 11.56 -8.64 3.99
C TYR D 53 13.01 -9.10 3.80
N ASP D 54 13.93 -8.49 4.54
CA ASP D 54 15.35 -8.81 4.42
C ASP D 54 15.88 -9.52 5.65
N GLY D 55 14.97 -9.94 6.52
CA GLY D 55 15.32 -10.72 7.70
C GLY D 55 16.08 -9.96 8.78
N SER D 56 16.08 -8.64 8.68
CA SER D 56 16.87 -7.82 9.59
C SER D 56 16.13 -7.52 10.90
N ASN D 57 14.81 -7.48 10.84
CA ASN D 57 14.04 -7.22 12.05
C ASN D 57 13.01 -8.31 12.33
N LYS D 58 13.05 -8.83 13.55
CA LYS D 58 12.12 -9.86 13.97
C LYS D 58 11.30 -9.34 15.15
N TYR D 59 10.13 -9.94 15.37
CA TYR D 59 9.33 -9.62 16.55
C TYR D 59 8.52 -10.82 17.00
N TYR D 60 8.47 -11.05 18.30
CA TYR D 60 7.79 -12.21 18.87
C TYR D 60 6.70 -11.82 19.85
N ALA D 61 5.67 -12.64 19.95
CA ALA D 61 4.65 -12.48 20.98
C ALA D 61 5.24 -12.87 22.34
N ASP D 62 4.68 -12.32 23.41
CA ASP D 62 5.19 -12.60 24.75
C ASP D 62 5.11 -14.08 25.12
N SER D 63 4.24 -14.82 24.44
CA SER D 63 4.00 -16.23 24.79
C SER D 63 5.04 -17.17 24.18
N VAL D 64 5.85 -16.66 23.26
CA VAL D 64 6.84 -17.51 22.59
C VAL D 64 8.24 -16.90 22.57
N LYS D 65 8.38 -15.69 23.11
CA LYS D 65 9.67 -15.02 23.13
C LYS D 65 10.67 -15.76 24.00
N GLY D 66 11.84 -16.05 23.45
CA GLY D 66 12.86 -16.79 24.18
C GLY D 66 12.80 -18.28 23.94
N ARG D 67 11.75 -18.73 23.27
CA ARG D 67 11.57 -20.14 22.98
C ARG D 67 11.46 -20.40 21.47
N PHE D 68 10.82 -19.48 20.76
CA PHE D 68 10.66 -19.62 19.31
C PHE D 68 11.66 -18.72 18.58
N THR D 69 12.14 -19.17 17.43
CA THR D 69 13.05 -18.39 16.60
C THR D 69 12.58 -18.38 15.15
N ILE D 70 12.22 -17.21 14.65
CA ILE D 70 11.77 -17.08 13.27
C ILE D 70 12.94 -16.65 12.38
N SER D 71 12.99 -17.20 11.18
CA SER D 71 14.05 -16.86 10.24
C SER D 71 13.60 -17.15 8.83
N ARG D 72 14.38 -16.70 7.86
CA ARG D 72 14.04 -16.89 6.45
C ARG D 72 15.28 -16.99 5.59
N ASP D 73 15.15 -17.66 4.45
CA ASP D 73 16.22 -17.70 3.46
C ASP D 73 15.61 -17.28 2.13
N ASN D 74 15.80 -16.02 1.77
CA ASN D 74 15.18 -15.48 0.57
C ASN D 74 15.68 -16.14 -0.72
N SER D 75 16.85 -16.75 -0.68
CA SER D 75 17.44 -17.37 -1.86
C SER D 75 16.79 -18.73 -2.19
N LYS D 76 16.11 -19.32 -1.23
CA LYS D 76 15.36 -20.55 -1.47
C LYS D 76 13.86 -20.37 -1.28
N ASN D 77 13.45 -19.13 -1.04
CA ASN D 77 12.03 -18.78 -0.86
C ASN D 77 11.37 -19.53 0.29
N THR D 78 12.00 -19.52 1.45
CA THR D 78 11.50 -20.30 2.57
C THR D 78 11.47 -19.51 3.88
N LEU D 79 10.39 -19.68 4.63
CA LEU D 79 10.26 -19.12 5.97
C LEU D 79 10.39 -20.25 6.99
N TYR D 80 11.12 -20.01 8.07
CA TYR D 80 11.36 -21.04 9.09
C TYR D 80 10.84 -20.64 10.45
N LEU D 81 10.51 -21.63 11.27
CA LEU D 81 10.13 -21.38 12.65
C LEU D 81 10.73 -22.45 13.56
N GLN D 82 11.77 -22.08 14.29
CA GLN D 82 12.39 -22.99 15.24
C GLN D 82 11.66 -22.96 16.57
N MET D 83 11.12 -24.10 16.98
CA MET D 83 10.34 -24.17 18.22
C MET D 83 11.08 -25.00 19.27
N ASN D 84 11.46 -24.36 20.36
CA ASN D 84 12.15 -25.04 21.46
C ASN D 84 11.36 -24.99 22.75
N SER D 85 11.62 -25.95 23.63
CA SER D 85 10.95 -26.04 24.92
C SER D 85 9.43 -26.03 24.77
N LEU D 86 8.93 -26.86 23.85
CA LEU D 86 7.51 -26.88 23.53
C LEU D 86 6.64 -27.27 24.72
N ARG D 87 5.48 -26.63 24.80
CA ARG D 87 4.53 -26.91 25.87
C ARG D 87 3.21 -27.37 25.27
N ALA D 88 2.32 -27.87 26.12
CA ALA D 88 1.02 -28.34 25.68
C ALA D 88 0.23 -27.21 25.03
N GLU D 89 0.35 -26.01 25.60
CA GLU D 89 -0.37 -24.84 25.11
C GLU D 89 0.05 -24.44 23.68
N ASP D 90 1.19 -24.95 23.22
CA ASP D 90 1.68 -24.65 21.87
C ASP D 90 0.98 -25.47 20.81
N THR D 91 0.18 -26.44 21.24
CA THR D 91 -0.57 -27.30 20.34
C THR D 91 -1.54 -26.48 19.52
N ALA D 92 -1.35 -26.48 18.20
CA ALA D 92 -2.13 -25.64 17.30
C ALA D 92 -1.86 -25.99 15.84
N VAL D 93 -2.66 -25.43 14.96
CA VAL D 93 -2.37 -25.42 13.54
C VAL D 93 -1.57 -24.16 13.25
N TYR D 94 -0.40 -24.30 12.62
CA TYR D 94 0.45 -23.14 12.35
C TYR D 94 0.40 -22.70 10.90
N TYR D 95 0.01 -21.45 10.70
CA TYR D 95 -0.06 -20.85 9.37
C TYR D 95 1.09 -19.86 9.14
N CYS D 96 1.55 -19.72 7.90
CA CYS D 96 2.40 -18.60 7.54
C CYS D 96 1.59 -17.61 6.70
N ALA D 97 1.70 -16.32 7.04
CA ALA D 97 0.90 -15.30 6.36
C ALA D 97 1.78 -14.17 5.86
N ARG D 98 1.51 -13.71 4.64
CA ARG D 98 2.34 -12.71 3.98
C ARG D 98 1.93 -11.27 4.29
N ASP D 99 2.93 -10.41 4.49
CA ASP D 99 2.74 -8.96 4.59
C ASP D 99 1.94 -8.56 5.82
N ARG D 100 1.72 -7.26 5.99
CA ARG D 100 1.02 -6.73 7.16
C ARG D 100 -0.49 -6.96 7.11
N TYR D 101 -1.01 -7.21 5.91
CA TYR D 101 -2.44 -7.47 5.75
C TYR D 101 -2.80 -8.92 6.00
N PHE D 102 -1.79 -9.76 6.07
CA PHE D 102 -1.99 -11.21 6.08
C PHE D 102 -2.86 -11.57 4.88
N ASP D 103 -2.42 -11.12 3.70
CA ASP D 103 -3.23 -11.21 2.49
C ASP D 103 -3.04 -12.53 1.76
N LEU D 104 -2.21 -13.40 2.32
CA LEU D 104 -1.96 -14.70 1.72
C LEU D 104 -1.54 -15.71 2.78
N TRP D 105 -2.29 -16.80 2.86
CA TRP D 105 -2.07 -17.83 3.86
C TRP D 105 -1.76 -19.18 3.24
N GLY D 106 -1.13 -20.06 4.01
CA GLY D 106 -0.99 -21.44 3.61
C GLY D 106 -2.13 -22.23 4.23
N ARG D 107 -2.23 -23.52 3.91
CA ARG D 107 -3.31 -24.34 4.43
C ARG D 107 -3.06 -24.68 5.90
N GLY D 108 -1.80 -24.60 6.30
CA GLY D 108 -1.43 -24.82 7.69
C GLY D 108 -0.79 -26.17 7.93
N THR D 109 -0.08 -26.29 9.05
CA THR D 109 0.55 -27.55 9.42
C THR D 109 0.26 -27.86 10.88
N LEU D 110 0.00 -29.13 11.17
CA LEU D 110 -0.44 -29.56 12.49
C LEU D 110 0.73 -29.77 13.45
N VAL D 111 0.65 -29.14 14.62
CA VAL D 111 1.62 -29.38 15.69
C VAL D 111 0.93 -29.74 17.00
N THR D 112 1.17 -30.96 17.48
CA THR D 112 0.57 -31.41 18.73
C THR D 112 1.62 -31.74 19.78
N VAL D 113 1.50 -31.11 20.94
CA VAL D 113 2.38 -31.40 22.07
C VAL D 113 1.58 -31.98 23.24
N SER D 114 1.71 -33.28 23.48
CA SER D 114 1.01 -33.93 24.58
C SER D 114 1.71 -35.22 25.02
N SER D 115 1.22 -35.81 26.11
CA SER D 115 1.75 -37.08 26.58
C SER D 115 0.63 -38.10 26.83
N GLY D 116 -0.31 -38.16 25.89
CA GLY D 116 -1.41 -39.11 25.95
C GLY D 116 -2.48 -38.85 27.00
N GLY D 117 -2.35 -37.74 27.71
CA GLY D 117 -3.32 -37.39 28.74
C GLY D 117 -4.39 -36.45 28.24
N GLY D 118 -5.35 -36.13 29.12
CA GLY D 118 -6.41 -35.21 28.77
C GLY D 118 -7.37 -34.95 29.91
N THR E 3 17.19 -0.08 -17.70
CA THR E 3 16.15 -1.00 -18.15
C THR E 3 14.96 -1.01 -17.20
N LEU E 4 13.97 -1.85 -17.50
CA LEU E 4 12.76 -1.94 -16.69
C LEU E 4 13.07 -2.44 -15.28
N GLU E 5 14.09 -3.30 -15.17
CA GLU E 5 14.48 -3.82 -13.87
C GLU E 5 14.97 -2.68 -12.97
N LYS E 6 15.78 -1.80 -13.53
CA LYS E 6 16.34 -0.67 -12.78
C LYS E 6 15.26 0.35 -12.42
N LEU E 7 14.22 0.44 -13.23
CA LEU E 7 13.13 1.37 -12.97
C LEU E 7 12.34 0.98 -11.72
N MET E 8 12.03 -0.30 -11.60
CA MET E 8 11.24 -0.77 -10.47
C MET E 8 12.02 -0.66 -9.16
N LYS E 9 13.32 -0.89 -9.24
CA LYS E 9 14.18 -0.79 -8.06
C LYS E 9 14.32 0.65 -7.59
N ALA E 10 14.23 1.59 -8.52
CA ALA E 10 14.38 3.00 -8.18
C ALA E 10 13.16 3.55 -7.42
N PHE E 11 11.99 3.00 -7.72
CA PHE E 11 10.73 3.46 -7.13
C PHE E 11 10.34 2.76 -5.82
N GLU E 12 11.22 1.96 -5.24
CA GLU E 12 10.86 1.17 -4.07
C GLU E 12 10.68 2.00 -2.81
N SER E 13 9.69 1.62 -2.02
CA SER E 13 9.42 2.28 -0.76
C SER E 13 9.26 1.22 0.33
N LEU E 14 9.36 1.64 1.59
CA LEU E 14 9.23 0.72 2.71
C LEU E 14 7.85 0.86 3.36
N LYS E 15 6.99 -0.13 3.15
CA LYS E 15 5.63 -0.07 3.70
C LYS E 15 5.47 -1.01 4.89
N SER E 16 5.03 -0.44 6.01
CA SER E 16 4.76 -1.22 7.21
C SER E 16 3.43 -0.81 7.84
N PHE E 17 3.34 -0.92 9.16
CA PHE E 17 2.15 -0.48 9.88
C PHE E 17 2.22 1.01 10.21
N THR F 3 9.86 -2.81 21.54
CA THR F 3 9.00 -1.63 21.57
C THR F 3 8.19 -1.50 20.28
N LEU F 4 7.40 -0.44 20.19
CA LEU F 4 6.55 -0.21 19.03
C LEU F 4 7.38 0.01 17.77
N GLU F 5 8.55 0.61 17.94
CA GLU F 5 9.45 0.89 16.82
C GLU F 5 9.93 -0.41 16.16
N LYS F 6 10.32 -1.36 17.00
CA LYS F 6 10.83 -2.65 16.51
C LYS F 6 9.71 -3.48 15.88
N LEU F 7 8.49 -3.26 16.35
CA LEU F 7 7.34 -3.98 15.83
C LEU F 7 7.08 -3.55 14.40
N MET F 8 7.10 -2.23 14.18
CA MET F 8 6.82 -1.69 12.86
C MET F 8 7.94 -2.03 11.90
N LYS F 9 9.16 -2.09 12.41
CA LYS F 9 10.33 -2.40 11.60
C LYS F 9 10.31 -3.86 11.14
N ALA F 10 9.73 -4.72 11.95
CA ALA F 10 9.66 -6.14 11.62
C ALA F 10 8.64 -6.43 10.51
N PHE F 11 7.58 -5.63 10.44
CA PHE F 11 6.50 -5.85 9.48
C PHE F 11 6.70 -5.16 8.13
N GLU F 12 7.86 -4.57 7.91
CA GLU F 12 8.07 -3.79 6.69
C GLU F 12 8.24 -4.65 5.45
N SER F 13 7.69 -4.17 4.33
CA SER F 13 7.74 -4.86 3.06
C SER F 13 8.26 -3.89 1.99
N LEU F 14 8.69 -4.44 0.86
CA LEU F 14 9.23 -3.65 -0.22
C LEU F 14 8.18 -3.46 -1.31
N LYS F 15 7.62 -2.26 -1.38
CA LYS F 15 6.58 -1.93 -2.36
C LYS F 15 7.11 -1.03 -3.46
N SER F 16 6.94 -1.45 -4.70
CA SER F 16 7.31 -0.64 -5.85
C SER F 16 6.21 -0.68 -6.91
N PHE F 17 6.60 -0.56 -8.17
CA PHE F 17 5.65 -0.66 -9.27
C PHE F 17 5.45 -2.12 -9.66
#